data_1EAB
#
_entry.id   1EAB
#
_cell.length_a   225.540
_cell.length_b   225.540
_cell.length_c   225.540
_cell.angle_alpha   90.00
_cell.angle_beta   90.00
_cell.angle_gamma   90.00
#
_symmetry.space_group_name_H-M   'F 4 3 2'
#
loop_
_entity.id
_entity.type
_entity.pdbx_description
1 polymer DIHYDROLIPOYL-TRANSACETYLASE
2 non-polymer 'COENZYME A'
3 non-polymer '6,8-DIMERCAPTO-OCTANOIC ACID AMIDE'
4 water water
#
_entity_poly.entity_id   1
_entity_poly.type   'polypeptide(L)'
_entity_poly.pdbx_seq_one_letter_code
;IPPIPPVDFAKYGEIEEVPMTRLMQIGATNLHRSWLNVPHVTQFESADITELEAFRVAQKAVAKKAGVKLTVLPLLLKAC
AYLLKELPDFNSSLAPSGQALIRKKYVHIGFAVDTPDGLLVPVIRNVDQKSLLQLAAEAAELAEKARSKKLGADAMQGAC
FTISSLGHIGGTAFTPIVNAPEVAILGVSKASMQPVWDGKAFQPRLMLPLSLSYDHRVINGAAAARFTKRLGDLLADIRA
ILL
;
_entity_poly.pdbx_strand_id   A
#
# COMPACT_ATOMS: atom_id res chain seq x y z
N ILE A 1 -10.32 28.13 -0.13
CA ILE A 1 -9.20 27.94 0.76
C ILE A 1 -8.29 29.10 0.35
N PRO A 2 -7.65 29.83 1.26
CA PRO A 2 -6.81 30.98 0.95
C PRO A 2 -5.68 30.49 0.08
N PRO A 3 -5.21 31.21 -0.93
CA PRO A 3 -4.00 30.85 -1.64
C PRO A 3 -2.75 31.34 -0.91
N ILE A 4 -1.67 30.68 -1.30
CA ILE A 4 -0.37 31.07 -0.83
C ILE A 4 -0.01 32.33 -1.63
N PRO A 5 0.44 33.44 -1.02
CA PRO A 5 1.05 34.57 -1.70
C PRO A 5 2.26 34.23 -2.56
N PRO A 6 2.39 34.77 -3.79
CA PRO A 6 3.54 34.50 -4.68
C PRO A 6 4.71 35.31 -4.21
N VAL A 7 5.89 34.75 -4.43
CA VAL A 7 7.06 35.41 -3.90
C VAL A 7 7.95 35.64 -5.10
N ASP A 8 8.72 36.72 -5.16
CA ASP A 8 9.58 36.89 -6.31
C ASP A 8 10.81 36.08 -5.85
N PHE A 9 10.98 34.80 -6.21
CA PHE A 9 12.10 33.98 -5.70
C PHE A 9 13.47 34.37 -6.21
N ALA A 10 13.47 35.04 -7.35
CA ALA A 10 14.70 35.50 -7.92
C ALA A 10 15.24 36.63 -7.09
N LYS A 11 14.56 37.21 -6.10
CA LYS A 11 15.16 38.26 -5.31
C LYS A 11 16.29 37.72 -4.45
N TYR A 12 16.30 36.40 -4.17
CA TYR A 12 17.26 35.81 -3.25
C TYR A 12 18.39 35.07 -3.92
N GLY A 13 18.35 34.94 -5.25
CA GLY A 13 19.37 34.28 -5.99
C GLY A 13 18.78 33.77 -7.28
N GLU A 14 19.56 32.97 -7.98
CA GLU A 14 19.26 32.44 -9.30
C GLU A 14 18.21 31.35 -9.22
N ILE A 15 17.26 31.35 -10.14
CA ILE A 15 16.21 30.36 -10.14
C ILE A 15 16.10 29.91 -11.57
N GLU A 16 15.42 28.79 -11.75
CA GLU A 16 15.25 28.16 -13.03
C GLU A 16 13.87 27.53 -12.99
N GLU A 17 13.03 27.65 -14.02
CA GLU A 17 11.73 26.99 -14.09
C GLU A 17 11.82 25.70 -14.88
N VAL A 18 11.32 24.60 -14.33
CA VAL A 18 11.22 23.36 -15.06
C VAL A 18 9.74 23.07 -14.93
N PRO A 19 9.12 22.49 -15.92
CA PRO A 19 7.70 22.21 -15.89
C PRO A 19 7.41 20.80 -15.46
N MET A 20 6.17 20.71 -14.97
CA MET A 20 5.67 19.46 -14.47
C MET A 20 5.04 18.67 -15.60
N THR A 21 5.15 17.33 -15.59
CA THR A 21 4.51 16.52 -16.60
C THR A 21 3.00 16.55 -16.31
N ARG A 22 2.19 16.25 -17.31
CA ARG A 22 0.77 16.16 -17.10
C ARG A 22 0.41 15.10 -16.03
N LEU A 23 1.19 14.02 -15.95
CA LEU A 23 1.01 12.95 -14.98
C LEU A 23 1.14 13.53 -13.57
N MET A 24 2.14 14.38 -13.38
CA MET A 24 2.36 15.04 -12.11
C MET A 24 1.22 15.96 -11.73
N GLN A 25 0.67 16.62 -12.73
CA GLN A 25 -0.41 17.54 -12.52
C GLN A 25 -1.68 16.83 -12.19
N ILE A 26 -1.90 15.68 -12.78
CA ILE A 26 -3.06 14.89 -12.44
C ILE A 26 -2.82 14.46 -11.00
N GLY A 27 -1.62 13.91 -10.73
CA GLY A 27 -1.24 13.39 -9.43
C GLY A 27 -1.49 14.42 -8.35
N ALA A 28 -1.02 15.63 -8.62
CA ALA A 28 -1.16 16.71 -7.67
C ALA A 28 -2.62 17.00 -7.39
N THR A 29 -3.49 17.04 -8.39
CA THR A 29 -4.89 17.36 -8.18
C THR A 29 -5.67 16.34 -7.39
N ASN A 30 -5.32 15.10 -7.64
CA ASN A 30 -5.95 14.05 -6.89
C ASN A 30 -5.53 14.04 -5.47
N LEU A 31 -4.25 14.27 -5.14
CA LEU A 31 -3.81 14.24 -3.76
C LEU A 31 -4.44 15.34 -2.96
N HIS A 32 -4.52 16.51 -3.57
CA HIS A 32 -5.09 17.61 -2.89
C HIS A 32 -6.58 17.38 -2.69
N ARG A 33 -7.30 16.82 -3.66
CA ARG A 33 -8.71 16.51 -3.50
C ARG A 33 -8.92 15.48 -2.37
N SER A 34 -8.12 14.40 -2.30
CA SER A 34 -8.12 13.49 -1.17
C SER A 34 -7.83 14.15 0.13
N TRP A 35 -6.82 15.02 0.20
CA TRP A 35 -6.42 15.65 1.43
C TRP A 35 -7.55 16.41 2.11
N LEU A 36 -8.31 17.16 1.29
CA LEU A 36 -9.35 18.04 1.79
C LEU A 36 -10.64 17.30 2.03
N ASN A 37 -10.86 16.16 1.38
CA ASN A 37 -12.06 15.38 1.62
C ASN A 37 -12.05 14.32 2.71
N VAL A 38 -10.86 13.77 2.95
CA VAL A 38 -10.69 12.67 3.85
C VAL A 38 -10.09 13.12 5.20
N PRO A 39 -10.76 13.15 6.37
CA PRO A 39 -10.09 13.30 7.65
C PRO A 39 -9.26 12.04 7.93
N HIS A 40 -7.92 12.20 7.76
CA HIS A 40 -6.89 11.14 7.84
C HIS A 40 -6.36 10.79 9.18
N VAL A 41 -6.31 9.51 9.51
CA VAL A 41 -5.55 9.10 10.69
C VAL A 41 -4.53 8.07 10.24
N THR A 42 -3.40 7.84 10.90
CA THR A 42 -2.50 6.78 10.51
C THR A 42 -2.32 5.92 11.74
N GLN A 43 -2.41 4.60 11.57
CA GLN A 43 -2.24 3.67 12.64
C GLN A 43 -0.95 2.93 12.34
N PHE A 44 -0.02 2.91 13.27
CA PHE A 44 1.24 2.29 13.01
C PHE A 44 1.28 0.94 13.70
N GLU A 45 1.95 -0.06 13.16
CA GLU A 45 2.10 -1.40 13.73
C GLU A 45 3.42 -2.04 13.23
N SER A 46 4.04 -3.04 13.89
CA SER A 46 5.21 -3.73 13.36
C SER A 46 4.85 -5.20 13.25
N ALA A 47 5.17 -5.85 12.15
CA ALA A 47 4.86 -7.25 12.09
C ALA A 47 6.15 -8.01 12.15
N ASP A 48 6.10 -9.21 12.74
CA ASP A 48 7.28 -10.05 12.88
C ASP A 48 7.30 -10.88 11.62
N ILE A 49 8.19 -10.61 10.70
CA ILE A 49 8.21 -11.39 9.50
C ILE A 49 9.43 -12.33 9.48
N THR A 50 10.11 -12.67 10.59
CA THR A 50 11.28 -13.57 10.57
C THR A 50 11.02 -14.87 9.81
N GLU A 51 9.98 -15.61 10.15
CA GLU A 51 9.66 -16.81 9.42
C GLU A 51 9.13 -16.55 8.00
N LEU A 52 8.34 -15.50 7.73
CA LEU A 52 7.83 -15.23 6.40
C LEU A 52 9.00 -15.00 5.49
N GLU A 53 10.01 -14.32 5.99
CA GLU A 53 11.20 -14.05 5.26
C GLU A 53 11.99 -15.30 4.96
N ALA A 54 12.23 -16.13 5.95
CA ALA A 54 12.85 -17.40 5.67
C ALA A 54 11.99 -18.18 4.69
N PHE A 55 10.66 -18.16 4.66
CA PHE A 55 9.92 -18.86 3.62
C PHE A 55 10.27 -18.26 2.27
N ARG A 56 10.17 -16.93 2.13
CA ARG A 56 10.39 -16.23 0.88
C ARG A 56 11.69 -16.63 0.21
N VAL A 57 12.73 -16.60 1.01
CA VAL A 57 14.08 -16.96 0.63
C VAL A 57 14.21 -18.43 0.25
N ALA A 58 13.66 -19.41 0.96
CA ALA A 58 13.74 -20.80 0.52
C ALA A 58 13.00 -20.99 -0.81
N GLN A 59 11.86 -20.33 -1.09
CA GLN A 59 11.17 -20.59 -2.34
C GLN A 59 11.78 -19.90 -3.50
N LYS A 60 13.00 -19.39 -3.35
CA LYS A 60 13.72 -18.71 -4.41
C LYS A 60 13.93 -19.60 -5.65
N ALA A 61 14.23 -20.90 -5.50
CA ALA A 61 14.39 -21.80 -6.65
C ALA A 61 13.08 -22.02 -7.41
N VAL A 62 12.00 -22.32 -6.67
CA VAL A 62 10.68 -22.53 -7.24
C VAL A 62 10.32 -21.28 -8.04
N ALA A 63 10.46 -20.13 -7.41
CA ALA A 63 10.23 -18.89 -8.08
C ALA A 63 11.12 -18.75 -9.31
N LYS A 64 12.43 -18.96 -9.25
CA LYS A 64 13.29 -18.82 -10.42
C LYS A 64 12.89 -19.80 -11.50
N LYS A 65 12.45 -21.01 -11.14
CA LYS A 65 12.08 -22.03 -12.10
C LYS A 65 10.83 -21.54 -12.79
N ALA A 66 9.98 -20.80 -12.09
CA ALA A 66 8.78 -20.23 -12.70
C ALA A 66 9.13 -18.93 -13.43
N GLY A 67 10.38 -18.44 -13.49
CA GLY A 67 10.70 -17.16 -14.14
C GLY A 67 10.20 -15.90 -13.40
N VAL A 68 9.62 -15.98 -12.19
CA VAL A 68 9.16 -14.82 -11.42
C VAL A 68 10.18 -14.58 -10.32
N LYS A 69 10.18 -13.45 -9.63
CA LYS A 69 11.02 -13.24 -8.46
C LYS A 69 9.96 -13.02 -7.35
N LEU A 70 10.04 -13.79 -6.28
CA LEU A 70 9.08 -13.68 -5.17
C LEU A 70 9.55 -12.63 -4.20
N THR A 71 9.02 -11.41 -4.26
CA THR A 71 9.36 -10.37 -3.29
C THR A 71 8.37 -10.38 -2.15
N VAL A 72 8.25 -9.29 -1.40
CA VAL A 72 7.33 -9.27 -0.28
C VAL A 72 5.94 -8.81 -0.68
N LEU A 73 5.85 -8.12 -1.83
CA LEU A 73 4.61 -7.51 -2.29
C LEU A 73 3.51 -8.57 -2.41
N PRO A 74 3.64 -9.73 -3.11
CA PRO A 74 2.64 -10.79 -3.12
C PRO A 74 2.24 -11.33 -1.77
N LEU A 75 3.13 -11.40 -0.80
CA LEU A 75 2.79 -11.90 0.51
C LEU A 75 1.95 -10.83 1.19
N LEU A 76 2.20 -9.52 0.97
CA LEU A 76 1.35 -8.48 1.52
C LEU A 76 0.01 -8.46 0.83
N LEU A 77 -0.02 -8.58 -0.48
CA LEU A 77 -1.24 -8.60 -1.27
C LEU A 77 -2.19 -9.73 -0.87
N LYS A 78 -1.68 -10.95 -0.74
CA LYS A 78 -2.48 -12.08 -0.30
C LYS A 78 -3.09 -11.89 1.10
N ALA A 79 -2.29 -11.47 2.09
CA ALA A 79 -2.75 -11.24 3.45
C ALA A 79 -3.75 -10.09 3.48
N CYS A 80 -3.47 -8.97 2.83
CA CYS A 80 -4.44 -7.90 2.80
C CYS A 80 -5.69 -8.40 2.12
N ALA A 81 -5.66 -9.19 1.05
CA ALA A 81 -6.89 -9.67 0.45
C ALA A 81 -7.72 -10.52 1.41
N TYR A 82 -7.07 -11.36 2.19
CA TYR A 82 -7.82 -12.16 3.13
C TYR A 82 -8.52 -11.26 4.14
N LEU A 83 -7.78 -10.25 4.58
CA LEU A 83 -8.29 -9.33 5.56
C LEU A 83 -9.35 -8.44 5.05
N LEU A 84 -9.34 -8.04 3.80
CA LEU A 84 -10.35 -7.15 3.22
C LEU A 84 -11.65 -7.92 3.15
N LYS A 85 -11.61 -9.24 3.15
CA LYS A 85 -12.81 -10.02 3.28
C LYS A 85 -13.23 -10.29 4.72
N GLU A 86 -12.30 -10.39 5.67
CA GLU A 86 -12.68 -10.63 7.07
C GLU A 86 -13.35 -9.38 7.66
N LEU A 87 -12.80 -8.18 7.34
CA LEU A 87 -13.19 -6.86 7.84
C LEU A 87 -13.70 -5.98 6.68
N PRO A 88 -14.91 -6.20 6.16
CA PRO A 88 -15.44 -5.61 4.96
C PRO A 88 -15.58 -4.12 4.93
N ASP A 89 -15.62 -3.43 6.06
CA ASP A 89 -15.63 -1.98 5.99
C ASP A 89 -14.40 -1.39 5.36
N PHE A 90 -13.29 -2.14 5.33
CA PHE A 90 -12.08 -1.65 4.71
C PHE A 90 -12.19 -1.86 3.21
N ASN A 91 -13.14 -2.67 2.76
CA ASN A 91 -13.26 -2.95 1.36
C ASN A 91 -14.49 -2.22 0.93
N SER A 92 -14.70 -0.93 1.13
CA SER A 92 -15.94 -0.29 0.76
C SER A 92 -15.71 1.16 0.39
N SER A 93 -16.72 1.94 0.00
CA SER A 93 -16.51 3.34 -0.27
C SER A 93 -17.70 4.10 0.20
N LEU A 94 -17.48 5.33 0.61
CA LEU A 94 -18.59 6.16 1.00
C LEU A 94 -19.36 6.58 -0.24
N ALA A 95 -20.64 6.19 -0.19
CA ALA A 95 -21.65 6.51 -1.20
C ALA A 95 -21.71 8.02 -1.35
N PRO A 96 -22.05 8.63 -2.47
CA PRO A 96 -22.11 10.10 -2.61
C PRO A 96 -23.20 10.73 -1.74
N SER A 97 -24.28 10.05 -1.34
CA SER A 97 -25.21 10.62 -0.38
C SER A 97 -24.49 10.91 0.94
N GLY A 98 -23.31 10.35 1.25
CA GLY A 98 -22.68 10.52 2.54
C GLY A 98 -23.48 9.76 3.60
N GLN A 99 -24.49 8.99 3.21
CA GLN A 99 -25.27 8.29 4.20
C GLN A 99 -25.24 6.78 3.97
N ALA A 100 -24.38 6.32 3.10
CA ALA A 100 -24.30 4.91 2.85
C ALA A 100 -22.88 4.58 2.48
N LEU A 101 -22.54 3.34 2.77
CA LEU A 101 -21.30 2.77 2.37
C LEU A 101 -21.64 1.82 1.26
N ILE A 102 -20.78 1.69 0.29
CA ILE A 102 -20.99 0.72 -0.74
C ILE A 102 -19.93 -0.31 -0.46
N ARG A 103 -20.36 -1.47 -0.04
CA ARG A 103 -19.49 -2.59 0.20
C ARG A 103 -19.30 -3.35 -1.07
N LYS A 104 -18.07 -3.55 -1.39
CA LYS A 104 -17.70 -4.21 -2.59
C LYS A 104 -17.53 -5.70 -2.29
N LYS A 105 -17.99 -6.63 -3.12
CA LYS A 105 -17.81 -8.04 -2.84
C LYS A 105 -16.64 -8.60 -3.67
N TYR A 106 -15.76 -7.77 -4.20
CA TYR A 106 -14.69 -8.18 -5.08
C TYR A 106 -13.42 -7.71 -4.43
N VAL A 107 -12.23 -8.29 -4.56
CA VAL A 107 -11.09 -7.65 -3.94
C VAL A 107 -10.12 -7.31 -5.05
N HIS A 108 -9.90 -6.07 -5.46
CA HIS A 108 -8.89 -5.76 -6.46
C HIS A 108 -8.01 -4.79 -5.71
N ILE A 109 -6.69 -4.85 -5.82
CA ILE A 109 -5.82 -4.03 -4.99
C ILE A 109 -4.81 -3.29 -5.84
N GLY A 110 -4.56 -2.01 -5.66
CA GLY A 110 -3.58 -1.32 -6.48
C GLY A 110 -2.25 -1.24 -5.74
N PHE A 111 -1.16 -0.85 -6.37
CA PHE A 111 0.06 -0.72 -5.65
C PHE A 111 0.85 0.41 -6.27
N ALA A 112 1.52 1.22 -5.46
CA ALA A 112 2.16 2.40 -6.00
C ALA A 112 3.45 2.15 -6.74
N VAL A 113 3.60 2.57 -7.98
CA VAL A 113 4.86 2.38 -8.65
C VAL A 113 5.31 3.80 -8.88
N ASP A 114 6.47 4.28 -8.45
CA ASP A 114 6.87 5.66 -8.73
C ASP A 114 7.74 5.55 -9.98
N THR A 115 7.28 6.21 -11.08
CA THR A 115 7.90 6.22 -12.40
C THR A 115 8.42 7.62 -12.71
N PRO A 116 9.27 7.83 -13.73
CA PRO A 116 9.94 9.11 -13.98
C PRO A 116 8.97 10.21 -14.35
N ASP A 117 7.93 9.82 -15.06
CA ASP A 117 6.90 10.74 -15.42
C ASP A 117 6.01 11.10 -14.28
N GLY A 118 6.03 10.33 -13.18
CA GLY A 118 5.18 10.55 -12.04
C GLY A 118 4.68 9.23 -11.46
N LEU A 119 3.71 9.30 -10.53
CA LEU A 119 3.16 8.13 -9.83
C LEU A 119 2.07 7.38 -10.57
N LEU A 120 2.13 6.06 -10.76
CA LEU A 120 1.07 5.33 -11.40
C LEU A 120 0.58 4.32 -10.38
N VAL A 121 -0.70 3.90 -10.34
CA VAL A 121 -1.07 2.88 -9.38
C VAL A 121 -1.86 1.80 -10.10
N PRO A 122 -1.14 0.89 -10.73
CA PRO A 122 -1.74 -0.26 -11.40
C PRO A 122 -2.53 -1.08 -10.43
N VAL A 123 -3.55 -1.79 -10.90
CA VAL A 123 -4.48 -2.54 -10.07
C VAL A 123 -4.42 -4.03 -10.40
N ILE A 124 -4.32 -4.95 -9.45
CA ILE A 124 -4.38 -6.37 -9.70
C ILE A 124 -5.78 -6.78 -9.23
N ARG A 125 -6.54 -7.32 -10.17
CA ARG A 125 -7.89 -7.77 -9.96
C ARG A 125 -7.94 -9.14 -9.30
N ASN A 126 -8.95 -9.29 -8.45
CA ASN A 126 -9.32 -10.52 -7.76
C ASN A 126 -8.11 -11.12 -7.09
N VAL A 127 -7.48 -10.28 -6.23
CA VAL A 127 -6.24 -10.67 -5.58
C VAL A 127 -6.51 -11.89 -4.72
N ASP A 128 -7.70 -12.00 -4.18
CA ASP A 128 -8.11 -13.15 -3.38
C ASP A 128 -8.06 -14.46 -4.14
N GLN A 129 -8.07 -14.44 -5.45
CA GLN A 129 -8.13 -15.66 -6.20
C GLN A 129 -6.81 -16.04 -6.78
N LYS A 130 -5.75 -15.25 -6.75
CA LYS A 130 -4.54 -15.65 -7.44
C LYS A 130 -3.54 -16.20 -6.45
N SER A 131 -2.46 -16.86 -6.85
CA SER A 131 -1.55 -17.44 -5.90
C SER A 131 -0.25 -16.63 -5.79
N LEU A 132 0.66 -16.93 -4.85
CA LEU A 132 1.80 -16.07 -4.64
C LEU A 132 2.60 -15.93 -5.91
N LEU A 133 2.83 -17.00 -6.67
CA LEU A 133 3.60 -16.83 -7.90
C LEU A 133 2.79 -16.15 -9.00
N GLN A 134 1.45 -16.25 -8.99
CA GLN A 134 0.68 -15.52 -9.97
C GLN A 134 0.74 -14.06 -9.66
N LEU A 135 0.49 -13.67 -8.42
CA LEU A 135 0.58 -12.28 -8.03
C LEU A 135 2.01 -11.80 -8.27
N ALA A 136 3.04 -12.62 -8.08
CA ALA A 136 4.42 -12.18 -8.27
C ALA A 136 4.68 -11.78 -9.70
N ALA A 137 4.18 -12.59 -10.61
CA ALA A 137 4.37 -12.33 -12.02
C ALA A 137 3.61 -11.12 -12.53
N GLU A 138 2.36 -11.04 -12.12
CA GLU A 138 1.52 -9.97 -12.56
C GLU A 138 1.97 -8.62 -12.03
N ALA A 139 2.37 -8.59 -10.77
CA ALA A 139 2.84 -7.37 -10.15
C ALA A 139 4.00 -6.88 -11.00
N ALA A 140 5.00 -7.73 -11.25
CA ALA A 140 6.15 -7.33 -12.03
C ALA A 140 5.79 -6.89 -13.46
N GLU A 141 4.82 -7.51 -14.15
CA GLU A 141 4.40 -7.16 -15.51
C GLU A 141 3.84 -5.77 -15.49
N LEU A 142 2.90 -5.58 -14.56
CA LEU A 142 2.24 -4.30 -14.41
C LEU A 142 3.25 -3.22 -14.09
N ALA A 143 4.22 -3.43 -13.22
CA ALA A 143 5.17 -2.38 -12.92
C ALA A 143 6.04 -2.07 -14.11
N GLU A 144 6.44 -3.07 -14.93
CA GLU A 144 7.24 -2.77 -16.11
C GLU A 144 6.40 -1.98 -17.07
N LYS A 145 5.17 -2.38 -17.40
CA LYS A 145 4.35 -1.57 -18.27
C LYS A 145 4.23 -0.17 -17.75
N ALA A 146 4.09 0.02 -16.42
CA ALA A 146 3.96 1.32 -15.83
C ALA A 146 5.18 2.16 -16.07
N ARG A 147 6.35 1.58 -15.96
CA ARG A 147 7.57 2.32 -16.19
C ARG A 147 7.79 2.68 -17.62
N SER A 148 7.21 1.87 -18.49
CA SER A 148 7.37 2.02 -19.91
C SER A 148 6.30 2.83 -20.58
N LYS A 149 5.43 3.50 -19.80
CA LYS A 149 4.34 4.27 -20.34
C LYS A 149 3.39 3.43 -21.18
N LYS A 150 3.46 2.11 -21.05
CA LYS A 150 2.60 1.26 -21.82
C LYS A 150 1.47 0.67 -20.95
N LEU A 151 1.09 1.29 -19.83
CA LEU A 151 0.04 0.74 -19.00
C LEU A 151 -1.22 1.38 -19.54
N GLY A 152 -2.30 0.63 -19.73
CA GLY A 152 -3.53 1.22 -20.25
C GLY A 152 -4.47 1.62 -19.12
N ALA A 153 -5.15 2.81 -19.09
CA ALA A 153 -6.12 3.23 -18.05
C ALA A 153 -7.10 2.19 -17.52
N ASP A 154 -7.37 1.24 -18.39
CA ASP A 154 -8.07 0.04 -18.01
C ASP A 154 -7.48 -0.48 -16.70
N ALA A 155 -6.18 -0.70 -16.61
CA ALA A 155 -5.54 -1.23 -15.42
C ALA A 155 -5.32 -0.24 -14.29
N MET A 156 -5.94 0.93 -14.32
CA MET A 156 -5.78 1.86 -13.24
C MET A 156 -7.14 2.07 -12.68
N GLN A 157 -8.07 1.15 -12.76
CA GLN A 157 -9.43 1.45 -12.39
C GLN A 157 -10.04 0.50 -11.39
N GLY A 158 -10.85 1.07 -10.53
CA GLY A 158 -11.69 0.30 -9.64
C GLY A 158 -11.01 -0.57 -8.62
N ALA A 159 -9.94 -0.05 -8.02
CA ALA A 159 -9.25 -0.72 -6.93
C ALA A 159 -10.10 -0.54 -5.69
N CYS A 160 -9.85 -1.40 -4.73
CA CYS A 160 -10.49 -1.30 -3.43
C CYS A 160 -9.68 -0.69 -2.31
N PHE A 161 -8.37 -0.84 -2.40
CA PHE A 161 -7.38 -0.59 -1.34
C PHE A 161 -6.03 -0.45 -2.09
N THR A 162 -4.99 0.21 -1.58
CA THR A 162 -3.72 0.47 -2.23
C THR A 162 -2.63 0.04 -1.28
N ILE A 163 -1.54 -0.58 -1.76
CA ILE A 163 -0.38 -0.83 -0.92
C ILE A 163 0.70 0.11 -1.46
N SER A 164 1.41 0.80 -0.57
CA SER A 164 2.47 1.67 -1.02
C SER A 164 3.76 1.26 -0.35
N SER A 165 4.72 0.66 -1.03
CA SER A 165 5.89 0.16 -0.36
C SER A 165 7.13 0.94 -0.68
N LEU A 166 7.76 1.46 0.38
CA LEU A 166 9.04 2.13 0.24
C LEU A 166 10.13 1.32 0.92
N GLY A 167 9.83 0.11 1.38
CA GLY A 167 10.80 -0.71 2.02
C GLY A 167 12.09 -0.89 1.22
N HIS A 168 12.00 -0.98 -0.10
CA HIS A 168 13.19 -1.02 -0.95
C HIS A 168 14.10 0.19 -0.87
N ILE A 169 13.71 1.31 -0.22
CA ILE A 169 14.54 2.49 -0.19
C ILE A 169 14.87 2.77 1.24
N GLY A 170 13.97 2.87 2.20
CA GLY A 170 14.46 3.10 3.54
C GLY A 170 13.36 3.70 4.35
N GLY A 171 13.65 4.13 5.57
CA GLY A 171 12.61 4.70 6.36
C GLY A 171 12.06 3.74 7.37
N THR A 172 11.42 4.40 8.28
CA THR A 172 10.85 3.83 9.46
C THR A 172 9.32 3.80 9.48
N ALA A 173 8.63 4.67 8.77
CA ALA A 173 7.20 4.75 8.81
C ALA A 173 6.97 6.03 8.05
N PHE A 174 5.74 6.24 7.60
CA PHE A 174 5.38 7.47 6.98
C PHE A 174 3.87 7.49 7.06
N THR A 175 3.27 8.58 6.65
CA THR A 175 1.85 8.67 6.76
C THR A 175 1.22 8.73 5.38
N PRO A 176 0.93 7.70 4.61
CA PRO A 176 0.45 7.84 3.25
C PRO A 176 -0.89 8.54 3.15
N ILE A 177 -1.22 9.08 1.99
CA ILE A 177 -2.53 9.67 1.75
C ILE A 177 -3.45 8.65 1.06
N VAL A 178 -4.64 8.53 1.63
CA VAL A 178 -5.71 7.70 1.12
C VAL A 178 -6.01 8.12 -0.29
N ASN A 179 -6.10 7.11 -1.10
CA ASN A 179 -6.38 7.27 -2.50
C ASN A 179 -7.91 7.24 -2.68
N ALA A 180 -8.60 8.33 -2.34
CA ALA A 180 -10.05 8.37 -2.37
C ALA A 180 -10.59 8.10 -3.76
N PRO A 181 -11.69 7.37 -4.00
CA PRO A 181 -12.70 6.99 -3.05
C PRO A 181 -12.46 5.72 -2.22
N GLU A 182 -11.23 5.21 -2.21
CA GLU A 182 -10.93 4.07 -1.39
C GLU A 182 -10.96 4.61 0.02
N VAL A 183 -10.94 3.73 1.01
CA VAL A 183 -11.04 4.17 2.37
C VAL A 183 -9.80 3.91 3.24
N ALA A 184 -8.71 3.28 2.73
CA ALA A 184 -7.49 2.98 3.49
C ALA A 184 -6.30 2.74 2.56
N ILE A 185 -5.04 2.81 2.99
CA ILE A 185 -3.87 2.51 2.16
C ILE A 185 -2.80 2.00 3.10
N LEU A 186 -1.99 1.00 2.79
CA LEU A 186 -1.06 0.46 3.75
C LEU A 186 0.27 0.97 3.30
N GLY A 187 1.03 1.67 4.09
CA GLY A 187 2.39 2.00 3.72
C GLY A 187 3.28 0.98 4.40
N VAL A 188 4.34 0.54 3.72
CA VAL A 188 5.26 -0.46 4.20
C VAL A 188 6.63 0.16 4.10
N SER A 189 7.40 0.13 5.16
CA SER A 189 8.74 0.69 5.14
C SER A 189 9.74 -0.40 5.39
N LYS A 190 10.96 -0.07 5.74
CA LYS A 190 12.05 -0.99 5.79
C LYS A 190 12.13 -1.93 6.96
N ALA A 191 12.31 -3.24 6.75
CA ALA A 191 12.47 -4.19 7.83
C ALA A 191 13.88 -4.08 8.42
N SER A 192 13.95 -4.18 9.76
CA SER A 192 15.14 -4.11 10.59
C SER A 192 15.11 -5.29 11.53
N MET A 193 16.28 -5.69 12.02
CA MET A 193 16.38 -6.70 13.05
C MET A 193 16.09 -5.98 14.35
N GLN A 194 15.30 -6.52 15.27
CA GLN A 194 14.90 -5.79 16.46
C GLN A 194 14.77 -6.71 17.62
N PRO A 195 15.09 -6.25 18.83
CA PRO A 195 14.99 -7.04 20.03
C PRO A 195 13.56 -7.03 20.44
N VAL A 196 13.08 -8.22 20.65
CA VAL A 196 11.71 -8.41 21.01
C VAL A 196 11.65 -9.29 22.24
N TRP A 197 10.92 -8.81 23.21
CA TRP A 197 10.81 -9.45 24.49
C TRP A 197 10.04 -10.72 24.34
N ASP A 198 10.62 -11.80 24.85
CA ASP A 198 9.92 -13.08 24.78
C ASP A 198 9.34 -13.53 26.10
N GLY A 199 9.22 -12.69 27.13
CA GLY A 199 8.78 -13.14 28.43
C GLY A 199 10.01 -13.24 29.33
N LYS A 200 11.23 -13.43 28.80
CA LYS A 200 12.44 -13.64 29.60
C LYS A 200 13.65 -12.82 29.21
N ALA A 201 13.88 -12.68 27.91
CA ALA A 201 15.00 -11.96 27.36
C ALA A 201 14.55 -11.49 25.99
N PHE A 202 15.38 -10.68 25.41
CA PHE A 202 15.05 -10.10 24.14
C PHE A 202 15.65 -11.02 23.10
N GLN A 203 14.92 -11.30 22.02
CA GLN A 203 15.30 -12.15 20.91
C GLN A 203 15.32 -11.25 19.67
N PRO A 204 16.26 -11.33 18.74
CA PRO A 204 16.23 -10.56 17.52
C PRO A 204 15.19 -11.11 16.60
N ARG A 205 14.32 -10.29 16.09
CA ARG A 205 13.23 -10.70 15.28
C ARG A 205 13.24 -9.68 14.16
N LEU A 206 12.96 -10.09 12.92
CA LEU A 206 12.99 -9.21 11.79
C LEU A 206 11.66 -8.55 11.78
N MET A 207 11.61 -7.23 11.98
CA MET A 207 10.36 -6.53 12.12
C MET A 207 10.00 -5.72 10.91
N LEU A 208 8.80 -5.76 10.33
CA LEU A 208 8.41 -4.99 9.16
C LEU A 208 7.56 -3.84 9.64
N PRO A 209 7.78 -2.58 9.28
CA PRO A 209 6.95 -1.46 9.70
C PRO A 209 5.70 -1.20 8.85
N LEU A 210 4.49 -1.08 9.37
CA LEU A 210 3.27 -0.90 8.56
C LEU A 210 2.68 0.43 8.98
N SER A 211 2.08 1.20 8.09
CA SER A 211 1.52 2.49 8.43
C SER A 211 0.21 2.48 7.73
N LEU A 212 -0.89 2.26 8.39
CA LEU A 212 -2.15 2.21 7.71
C LEU A 212 -2.79 3.58 7.76
N SER A 213 -2.92 4.40 6.72
CA SER A 213 -3.78 5.58 6.88
C SER A 213 -5.23 5.25 6.51
N TYR A 214 -6.24 5.83 7.19
CA TYR A 214 -7.62 5.55 6.85
C TYR A 214 -8.53 6.76 6.92
N ASP A 215 -9.68 6.62 6.25
CA ASP A 215 -10.69 7.63 6.19
C ASP A 215 -11.51 7.47 7.44
N HIS A 216 -11.29 8.39 8.37
CA HIS A 216 -11.91 8.25 9.66
C HIS A 216 -13.42 8.46 9.64
N ARG A 217 -14.07 8.97 8.59
CA ARG A 217 -15.51 9.06 8.54
C ARG A 217 -16.17 7.70 8.49
N VAL A 218 -15.46 6.80 7.86
CA VAL A 218 -15.92 5.46 7.56
C VAL A 218 -15.23 4.49 8.52
N ILE A 219 -13.95 4.63 8.92
CA ILE A 219 -13.30 3.67 9.81
C ILE A 219 -12.91 4.33 11.08
N ASN A 220 -13.24 3.75 12.20
CA ASN A 220 -12.94 4.30 13.53
C ASN A 220 -11.63 3.77 14.06
N GLY A 221 -11.10 4.38 15.11
CA GLY A 221 -9.81 4.04 15.59
C GLY A 221 -9.72 2.59 15.94
N ALA A 222 -10.67 2.00 16.68
CA ALA A 222 -10.57 0.60 17.00
C ALA A 222 -10.64 -0.34 15.82
N ALA A 223 -11.38 -0.08 14.74
CA ALA A 223 -11.43 -1.00 13.63
C ALA A 223 -10.09 -1.04 12.96
N ALA A 224 -9.48 0.15 12.82
CA ALA A 224 -8.16 0.21 12.25
C ALA A 224 -7.05 -0.43 13.06
N ALA A 225 -7.05 -0.37 14.42
CA ALA A 225 -6.03 -1.00 15.25
C ALA A 225 -6.17 -2.49 15.17
N ARG A 226 -7.39 -2.95 14.92
CA ARG A 226 -7.72 -4.36 14.75
C ARG A 226 -7.22 -4.82 13.38
N PHE A 227 -7.41 -4.05 12.31
CA PHE A 227 -6.84 -4.41 11.04
C PHE A 227 -5.33 -4.55 11.13
N THR A 228 -4.52 -3.65 11.68
CA THR A 228 -3.07 -3.83 11.68
C THR A 228 -2.68 -4.93 12.65
N LYS A 229 -3.45 -5.13 13.71
CA LYS A 229 -3.19 -6.26 14.60
C LYS A 229 -3.33 -7.58 13.82
N ARG A 230 -4.46 -7.79 13.11
CA ARG A 230 -4.69 -9.00 12.39
C ARG A 230 -3.64 -9.14 11.33
N LEU A 231 -3.32 -8.07 10.60
CA LEU A 231 -2.33 -8.19 9.55
C LEU A 231 -1.00 -8.59 10.13
N GLY A 232 -0.57 -8.07 11.28
CA GLY A 232 0.68 -8.45 11.88
C GLY A 232 0.64 -9.91 12.28
N ASP A 233 -0.52 -10.40 12.71
CA ASP A 233 -0.69 -11.79 13.06
C ASP A 233 -0.65 -12.65 11.82
N LEU A 234 -1.27 -12.27 10.70
CA LEU A 234 -1.22 -13.11 9.52
C LEU A 234 0.19 -13.10 8.99
N LEU A 235 0.95 -12.02 9.01
CA LEU A 235 2.28 -12.04 8.46
C LEU A 235 3.23 -12.82 9.37
N ALA A 236 2.88 -13.00 10.63
CA ALA A 236 3.74 -13.77 11.53
C ALA A 236 3.55 -15.27 11.23
N ASP A 237 2.32 -15.75 10.89
CA ASP A 237 2.08 -17.10 10.45
C ASP A 237 1.10 -17.12 9.29
N ILE A 238 1.59 -17.05 8.07
CA ILE A 238 0.76 -16.97 6.90
C ILE A 238 -0.06 -18.23 6.64
N ARG A 239 0.24 -19.30 7.32
CA ARG A 239 -0.52 -20.54 7.23
C ARG A 239 -1.89 -20.32 7.80
N ALA A 240 -2.13 -19.28 8.58
CA ALA A 240 -3.46 -19.08 9.12
C ALA A 240 -4.43 -18.68 8.01
N ILE A 241 -3.94 -18.29 6.83
CA ILE A 241 -4.81 -18.00 5.68
C ILE A 241 -5.47 -19.26 5.12
N LEU A 242 -4.87 -20.41 5.49
CA LEU A 242 -5.26 -21.74 5.07
C LEU A 242 -6.47 -22.26 5.77
N LEU A 243 -6.87 -21.59 6.84
CA LEU A 243 -7.86 -22.26 7.60
C LEU A 243 -9.26 -21.73 7.44
#